data_6X7T
#
_entry.id   6X7T
#
_cell.length_a   45.470
_cell.length_b   50.270
_cell.length_c   79.010
_cell.angle_alpha   90.000
_cell.angle_beta   90.000
_cell.angle_gamma   90.000
#
_symmetry.space_group_name_H-M   'P 21 21 21'
#
loop_
_entity.id
_entity.type
_entity.pdbx_description
1 polymer 'Antifreeze protein'
2 non-polymer 'CALCIUM ION'
3 non-polymer beta-D-allofuranose
4 non-polymer alpha-D-allofuranose
5 water water
#
_entity_poly.entity_id   1
_entity_poly.type   'polypeptide(L)'
_entity_poly.pdbx_seq_one_letter_code
;PKAQDDSTPDSLFAGLVGEYYGTNSQLNNISDFRALVDSKEADATFEAANISYGRGSSDVAKGTHLQEFLGSDASTLSTD
PGDNTDGGIYLQGYVYLEAGTYNFKVTADDGYEITINGNPVATVDNNQSVYTVTHASFTISESGYQAIDMIWWDQGGDYV
FQPTLSADGGSTYFVLDSAILSSTGETPYTTAQ
;
_entity_poly.pdbx_strand_id   A
#
loop_
_chem_comp.id
_chem_comp.type
_chem_comp.name
_chem_comp.formula
CA non-polymer 'CALCIUM ION' 'Ca 2'
VDS non-polymer beta-D-allofuranose 'C6 H12 O6'
VDV non-polymer alpha-D-allofuranose 'C6 H12 O6'
#
# COMPACT_ATOMS: atom_id res chain seq x y z
N PRO A 9 15.07 -18.66 1.17
CA PRO A 9 13.66 -18.67 1.58
C PRO A 9 13.04 -17.29 1.92
N ASP A 10 11.86 -16.95 1.44
CA ASP A 10 11.14 -15.71 1.79
C ASP A 10 10.34 -15.96 3.07
N SER A 11 10.30 -14.97 3.93
CA SER A 11 9.59 -15.10 5.19
CA SER A 11 9.61 -15.15 5.18
C SER A 11 8.10 -15.21 4.99
N LEU A 12 7.46 -16.06 5.79
CA LEU A 12 6.01 -16.18 5.85
C LEU A 12 5.50 -15.36 7.03
N PHE A 13 4.69 -14.35 6.73
CA PHE A 13 4.07 -13.52 7.76
C PHE A 13 2.72 -13.08 7.23
N ALA A 14 1.87 -12.62 8.14
CA ALA A 14 0.51 -12.21 7.82
C ALA A 14 0.51 -10.74 7.43
N GLY A 15 0.96 -10.49 6.19
CA GLY A 15 1.15 -9.14 5.70
C GLY A 15 1.70 -9.21 4.29
N LEU A 16 1.83 -8.03 3.68
CA LEU A 16 2.50 -7.92 2.39
C LEU A 16 3.96 -7.55 2.59
N VAL A 17 4.81 -7.95 1.65
CA VAL A 17 6.20 -7.53 1.61
C VAL A 17 6.24 -6.05 1.26
N GLY A 18 6.83 -5.23 2.11
CA GLY A 18 6.88 -3.79 1.94
C GLY A 18 8.28 -3.30 1.60
N GLU A 19 8.33 -2.39 0.64
CA GLU A 19 9.56 -1.69 0.30
C GLU A 19 9.28 -0.19 0.27
N TYR A 20 10.14 0.59 0.88
CA TYR A 20 10.10 2.04 0.87
C TYR A 20 11.24 2.58 0.02
N TYR A 21 10.92 3.57 -0.82
CA TYR A 21 11.88 4.26 -1.66
C TYR A 21 11.72 5.77 -1.51
N GLY A 22 12.84 6.45 -1.30
CA GLY A 22 12.86 7.90 -1.28
C GLY A 22 13.67 8.46 -2.44
N THR A 23 13.42 9.73 -2.77
CA THR A 23 14.13 10.39 -3.85
C THR A 23 14.07 11.90 -3.65
N ASN A 24 14.97 12.62 -4.30
CA ASN A 24 14.96 14.08 -4.32
C ASN A 24 14.51 14.64 -5.66
N SER A 25 13.97 13.79 -6.52
CA SER A 25 13.27 14.20 -7.72
C SER A 25 11.77 14.18 -7.46
N GLN A 26 11.02 14.83 -8.38
CA GLN A 26 9.58 14.95 -8.20
C GLN A 26 8.86 13.68 -8.65
N LEU A 27 7.94 13.20 -7.81
CA LEU A 27 7.03 12.13 -8.18
C LEU A 27 5.68 12.75 -8.58
N ASN A 28 5.32 12.61 -9.86
CA ASN A 28 4.06 13.17 -10.37
C ASN A 28 2.99 12.12 -10.64
N ASN A 29 3.37 10.85 -10.76
CA ASN A 29 2.46 9.85 -11.27
C ASN A 29 3.03 8.46 -10.97
N ILE A 30 2.24 7.45 -11.30
CA ILE A 30 2.62 6.06 -11.01
C ILE A 30 3.92 5.72 -11.71
N SER A 31 3.98 6.11 -13.00
CA SER A 31 5.22 5.73 -13.79
CA SER A 31 5.25 5.72 -13.68
C SER A 31 6.54 6.31 -13.08
N ASP A 32 6.43 7.52 -12.50
CA ASP A 32 7.60 8.09 -11.83
C ASP A 32 7.98 7.24 -10.62
N PHE A 33 6.98 6.80 -9.86
CA PHE A 33 7.29 5.97 -8.70
C PHE A 33 7.84 4.61 -9.14
N ARG A 34 7.24 4.00 -10.16
CA ARG A 34 7.76 2.71 -10.64
C ARG A 34 9.20 2.84 -11.13
N ALA A 35 9.53 3.95 -11.81
CA ALA A 35 10.90 4.16 -12.25
C ALA A 35 11.85 4.27 -11.06
N LEU A 36 11.40 4.92 -9.98
CA LEU A 36 12.21 4.98 -8.77
C LEU A 36 12.46 3.57 -8.22
N VAL A 37 11.40 2.77 -8.11
CA VAL A 37 11.53 1.39 -7.62
C VAL A 37 12.54 0.62 -8.46
N ASP A 38 12.47 0.77 -9.77
CA ASP A 38 13.35 0.02 -10.65
C ASP A 38 14.78 0.55 -10.67
N SER A 39 15.02 1.75 -10.12
CA SER A 39 16.34 2.37 -10.23
C SER A 39 17.35 1.92 -9.18
N LYS A 40 16.93 1.28 -8.09
CA LYS A 40 17.83 1.02 -6.97
C LYS A 40 17.18 0.02 -6.03
N GLU A 41 17.97 -0.46 -5.07
CA GLU A 41 17.44 -1.26 -3.98
C GLU A 41 16.61 -0.38 -3.04
N ALA A 42 15.64 -1.00 -2.39
CA ALA A 42 14.79 -0.25 -1.47
C ALA A 42 15.62 0.45 -0.40
N ASP A 43 15.18 1.65 0.00
CA ASP A 43 15.79 2.32 1.12
C ASP A 43 15.44 1.68 2.44
N ALA A 44 14.30 1.00 2.53
CA ALA A 44 14.00 0.19 3.71
C ALA A 44 12.99 -0.86 3.31
N THR A 45 12.97 -1.99 4.02
CA THR A 45 11.92 -2.99 3.88
C THR A 45 11.13 -3.07 5.19
N PHE A 46 9.91 -3.61 5.07
CA PHE A 46 9.05 -3.75 6.24
C PHE A 46 7.97 -4.77 5.92
N GLU A 47 7.25 -5.20 6.95
CA GLU A 47 6.08 -6.06 6.82
C GLU A 47 4.84 -5.20 6.90
N ALA A 48 4.01 -5.23 5.85
CA ALA A 48 2.79 -4.42 5.78
C ALA A 48 1.62 -5.29 6.26
N ALA A 49 1.39 -5.28 7.57
CA ALA A 49 0.38 -6.12 8.20
C ALA A 49 -0.89 -5.37 8.57
N ASN A 50 -0.92 -4.04 8.46
CA ASN A 50 -2.12 -3.29 8.81
C ASN A 50 -2.12 -2.04 7.93
N ILE A 51 -2.73 -2.16 6.75
CA ILE A 51 -2.50 -1.20 5.69
C ILE A 51 -3.47 -0.03 5.84
N SER A 52 -3.18 0.80 6.83
CA SER A 52 -3.92 2.03 7.12
C SER A 52 -2.88 2.99 7.68
N TYR A 53 -2.36 3.86 6.83
CA TYR A 53 -1.16 4.62 7.14
C TYR A 53 -1.45 6.12 7.15
N GLY A 54 -0.83 6.86 8.01
CA GLY A 54 -0.94 8.29 8.23
C GLY A 54 -2.28 8.59 8.88
N ARG A 55 -2.75 9.83 8.84
CA ARG A 55 -2.29 11.01 8.06
C ARG A 55 -1.17 11.66 8.81
N GLY A 56 -0.26 12.35 8.10
CA GLY A 56 0.74 13.23 8.67
C GLY A 56 1.07 14.36 7.72
N SER A 57 1.96 15.23 8.18
CA SER A 57 2.35 16.44 7.48
C SER A 57 3.87 16.53 7.36
N SER A 58 4.30 17.48 6.53
CA SER A 58 5.71 17.88 6.42
C SER A 58 6.60 16.79 5.80
N ASP A 59 6.06 16.07 4.82
CA ASP A 59 6.76 15.17 3.89
C ASP A 59 7.00 13.78 4.48
N VAL A 60 6.50 12.73 3.83
CA VAL A 60 6.67 11.39 4.39
C VAL A 60 8.14 11.01 4.47
N ALA A 61 8.96 11.56 3.58
CA ALA A 61 10.33 11.13 3.40
C ALA A 61 11.33 11.83 4.32
N LYS A 62 10.84 12.71 5.20
N LYS A 62 10.80 12.73 5.16
CA LYS A 62 11.67 13.48 6.11
CA LYS A 62 11.64 13.50 6.04
C LYS A 62 11.61 12.90 7.52
C LYS A 62 11.59 12.95 7.49
N GLY A 63 12.72 13.04 8.23
CA GLY A 63 12.73 12.76 9.67
C GLY A 63 12.16 11.39 9.99
N THR A 64 11.29 11.36 10.99
CA THR A 64 10.64 10.13 11.43
C THR A 64 9.21 10.02 10.90
N HIS A 65 8.90 10.76 9.83
CA HIS A 65 7.54 10.76 9.32
C HIS A 65 7.13 9.40 8.76
N LEU A 66 8.06 8.66 8.16
CA LEU A 66 7.71 7.34 7.66
C LEU A 66 7.30 6.42 8.79
N GLN A 67 8.05 6.45 9.90
CA GLN A 67 7.72 5.64 11.06
C GLN A 67 6.32 5.98 11.57
N GLU A 68 6.00 7.27 11.65
CA GLU A 68 4.69 7.69 12.13
C GLU A 68 3.61 7.21 11.18
N PHE A 69 3.84 7.34 9.87
CA PHE A 69 2.90 6.92 8.84
C PHE A 69 2.61 5.44 8.92
N LEU A 70 3.67 4.62 9.03
CA LEU A 70 3.50 3.16 9.06
C LEU A 70 2.95 2.65 10.37
N GLY A 71 3.09 3.43 11.45
CA GLY A 71 2.45 3.07 12.70
C GLY A 71 2.94 1.72 13.18
N SER A 72 1.95 0.83 13.45
N SER A 72 1.99 0.82 13.47
CA SER A 72 2.21 -0.52 13.96
CA SER A 72 2.36 -0.46 14.06
C SER A 72 3.25 -1.23 13.12
C SER A 72 3.10 -1.38 13.08
N ASP A 73 3.25 -1.01 11.82
CA ASP A 73 4.14 -1.75 10.92
C ASP A 73 5.58 -1.26 10.98
N ALA A 74 5.83 -0.08 11.55
CA ALA A 74 7.18 0.46 11.54
C ALA A 74 8.17 -0.33 12.39
N SER A 75 7.70 -1.16 13.33
CA SER A 75 8.64 -1.94 14.13
C SER A 75 9.32 -3.02 13.31
N THR A 76 8.90 -3.23 12.07
CA THR A 76 9.52 -4.19 11.18
C THR A 76 10.45 -3.53 10.15
N LEU A 77 10.68 -2.22 10.27
CA LEU A 77 11.59 -1.56 9.33
C LEU A 77 13.00 -2.13 9.43
N SER A 78 13.61 -2.35 8.26
CA SER A 78 14.97 -2.87 8.21
C SER A 78 16.01 -1.83 8.60
N THR A 79 15.69 -0.54 8.44
CA THR A 79 16.59 0.57 8.72
C THR A 79 15.71 1.81 8.80
N ASP A 80 16.27 2.89 9.35
CA ASP A 80 15.64 4.20 9.36
C ASP A 80 16.20 4.99 8.18
N PRO A 81 15.44 5.17 7.11
CA PRO A 81 15.97 5.88 5.94
C PRO A 81 16.37 7.31 6.30
N GLY A 82 17.34 7.83 5.57
CA GLY A 82 17.66 9.24 5.65
C GLY A 82 16.61 10.09 4.97
N ASP A 83 16.84 11.42 4.99
CA ASP A 83 15.86 12.35 4.43
C ASP A 83 15.87 12.31 2.90
N ASN A 84 14.68 12.50 2.36
CA ASN A 84 14.46 12.74 0.92
C ASN A 84 13.27 13.71 0.84
N THR A 85 13.07 14.31 -0.34
CA THR A 85 11.92 15.20 -0.51
C THR A 85 10.64 14.43 -0.80
N ASP A 86 10.75 13.33 -1.53
CA ASP A 86 9.63 12.56 -2.06
C ASP A 86 9.85 11.10 -1.69
N GLY A 87 8.76 10.33 -1.56
CA GLY A 87 8.97 8.92 -1.28
C GLY A 87 7.68 8.15 -1.40
N GLY A 88 7.78 6.82 -1.37
CA GLY A 88 6.59 6.00 -1.47
C GLY A 88 6.88 4.56 -1.13
N ILE A 89 5.83 3.74 -1.24
CA ILE A 89 5.92 2.33 -0.89
C ILE A 89 5.43 1.46 -2.04
N TYR A 90 6.03 0.28 -2.11
CA TYR A 90 5.64 -0.81 -3.01
C TYR A 90 5.39 -2.03 -2.13
N LEU A 91 4.16 -2.53 -2.17
CA LEU A 91 3.74 -3.69 -1.37
C LEU A 91 3.39 -4.82 -2.31
N GLN A 92 3.76 -6.05 -1.93
CA GLN A 92 3.39 -7.20 -2.76
C GLN A 92 3.21 -8.45 -1.92
N GLY A 93 2.22 -9.25 -2.28
CA GLY A 93 1.98 -10.50 -1.60
C GLY A 93 0.63 -11.04 -2.00
N TYR A 94 -0.12 -11.53 -1.01
CA TYR A 94 -1.38 -12.22 -1.26
C TYR A 94 -2.42 -11.78 -0.25
N VAL A 95 -3.69 -11.89 -0.68
CA VAL A 95 -4.83 -11.55 0.18
C VAL A 95 -5.89 -12.63 0.00
N TYR A 96 -6.39 -13.16 1.12
CA TYR A 96 -7.42 -14.19 1.04
C TYR A 96 -8.76 -13.53 0.73
N LEU A 97 -9.37 -13.94 -0.39
CA LEU A 97 -10.69 -13.47 -0.78
C LEU A 97 -11.48 -14.65 -1.33
N GLU A 98 -12.74 -14.76 -0.88
CA GLU A 98 -13.65 -15.76 -1.45
C GLU A 98 -14.05 -15.29 -2.85
N ALA A 99 -14.49 -16.17 -3.68
CA ALA A 99 -15.05 -15.79 -4.97
C ALA A 99 -16.24 -14.87 -4.75
N GLY A 100 -16.35 -13.85 -5.61
CA GLY A 100 -17.44 -12.90 -5.49
C GLY A 100 -17.04 -11.53 -6.02
N THR A 101 -17.84 -10.53 -5.69
CA THR A 101 -17.67 -9.16 -6.18
C THR A 101 -17.19 -8.27 -5.04
N TYR A 102 -16.26 -7.36 -5.36
CA TYR A 102 -15.63 -6.49 -4.37
C TYR A 102 -15.42 -5.12 -4.98
N ASN A 103 -15.20 -4.12 -4.11
CA ASN A 103 -14.69 -2.85 -4.61
C ASN A 103 -13.87 -2.16 -3.53
N PHE A 104 -12.82 -1.45 -3.98
CA PHE A 104 -12.03 -0.63 -3.08
C PHE A 104 -12.64 0.76 -2.89
N LYS A 105 -12.36 1.33 -1.72
CA LYS A 105 -12.62 2.73 -1.40
C LYS A 105 -11.36 3.22 -0.69
N VAL A 106 -10.63 4.14 -1.32
CA VAL A 106 -9.26 4.46 -0.91
C VAL A 106 -9.18 5.93 -0.54
N THR A 107 -8.64 6.21 0.64
CA THR A 107 -8.30 7.57 1.06
C THR A 107 -6.79 7.75 0.89
N ALA A 108 -6.38 8.79 0.15
CA ALA A 108 -4.96 8.93 -0.11
C ALA A 108 -4.55 10.36 -0.42
N ASP A 109 -3.29 10.62 -0.11
CA ASP A 109 -2.49 11.76 -0.56
C ASP A 109 -1.08 11.18 -0.59
N ASP A 110 -0.41 11.06 -1.75
CA ASP A 110 -0.82 11.48 -3.09
C ASP A 110 -1.54 10.33 -3.80
N GLY A 111 -1.01 9.81 -4.92
CA GLY A 111 -1.70 8.79 -5.69
C GLY A 111 -1.29 7.37 -5.36
N TYR A 112 -1.82 6.44 -6.16
CA TYR A 112 -1.66 5.03 -5.84
C TYR A 112 -2.14 4.17 -7.00
N GLU A 113 -1.74 2.89 -6.95
CA GLU A 113 -2.31 1.88 -7.86
C GLU A 113 -2.34 0.55 -7.10
N ILE A 114 -3.46 -0.13 -7.12
CA ILE A 114 -3.62 -1.46 -6.54
C ILE A 114 -4.00 -2.40 -7.67
N THR A 115 -3.31 -3.54 -7.74
CA THR A 115 -3.63 -4.60 -8.69
C THR A 115 -3.89 -5.89 -7.95
N ILE A 116 -4.83 -6.68 -8.49
CA ILE A 116 -5.11 -8.00 -7.98
C ILE A 116 -5.07 -8.98 -9.14
N ASN A 117 -4.29 -10.04 -8.97
CA ASN A 117 -4.09 -11.05 -10.02
C ASN A 117 -3.68 -10.38 -11.33
N GLY A 118 -2.87 -9.33 -11.22
CA GLY A 118 -2.31 -8.64 -12.35
C GLY A 118 -3.19 -7.58 -12.97
N ASN A 119 -4.37 -7.33 -12.42
CA ASN A 119 -5.31 -6.40 -13.02
C ASN A 119 -5.51 -5.20 -12.13
N PRO A 120 -5.38 -3.98 -12.64
CA PRO A 120 -5.62 -2.81 -11.80
C PRO A 120 -7.06 -2.76 -11.33
N VAL A 121 -7.23 -2.48 -10.04
CA VAL A 121 -8.55 -2.40 -9.42
C VAL A 121 -8.76 -1.09 -8.67
N ALA A 122 -7.72 -0.28 -8.50
CA ALA A 122 -7.89 1.05 -7.90
C ALA A 122 -6.70 1.90 -8.29
N THR A 123 -6.94 3.01 -8.99
CA THR A 123 -5.86 3.83 -9.53
C THR A 123 -6.16 5.31 -9.35
N VAL A 124 -5.19 6.06 -8.83
CA VAL A 124 -5.14 7.52 -8.93
C VAL A 124 -3.75 7.87 -9.44
N ASP A 125 -3.66 8.28 -10.71
CA ASP A 125 -2.39 8.47 -11.41
C ASP A 125 -1.94 9.92 -11.38
N ASN A 126 -2.01 10.57 -10.21
CA ASN A 126 -1.67 11.98 -10.09
C ASN A 126 -1.53 12.32 -8.61
N ASN A 127 -0.96 13.49 -8.35
CA ASN A 127 -0.89 14.04 -7.00
C ASN A 127 -2.21 14.64 -6.58
N GLN A 128 -2.47 14.61 -5.27
CA GLN A 128 -3.71 15.16 -4.74
C GLN A 128 -3.60 15.33 -3.23
N SER A 129 -4.27 16.36 -2.72
N SER A 129 -4.24 16.37 -2.71
CA SER A 129 -4.53 16.43 -1.30
CA SER A 129 -4.51 16.44 -1.29
C SER A 129 -5.51 15.32 -0.93
C SER A 129 -5.53 15.35 -0.92
N VAL A 130 -5.61 15.10 0.42
CA VAL A 130 -6.39 13.83 0.84
C VAL A 130 -7.84 13.84 0.22
N TYR A 131 -8.10 12.70 -0.38
CA TYR A 131 -9.36 12.49 -1.06
C TYR A 131 -9.69 11.01 -1.00
N THR A 132 -10.98 10.70 -0.93
CA THR A 132 -11.48 9.33 -0.87
C THR A 132 -12.24 9.02 -2.15
N VAL A 133 -11.79 7.99 -2.87
CA VAL A 133 -12.41 7.54 -4.11
C VAL A 133 -13.04 6.17 -3.86
N THR A 134 -14.31 6.03 -4.25
CA THR A 134 -14.99 4.74 -4.30
C THR A 134 -14.80 4.19 -5.71
N HIS A 135 -14.04 3.11 -5.82
CA HIS A 135 -13.65 2.55 -7.10
C HIS A 135 -14.68 1.55 -7.60
N ALA A 136 -14.63 1.28 -8.90
CA ALA A 136 -15.52 0.33 -9.54
C ALA A 136 -15.29 -1.08 -9.05
N SER A 137 -16.35 -1.89 -9.12
N SER A 137 -16.36 -1.87 -9.10
CA SER A 137 -16.29 -3.25 -8.63
CA SER A 137 -16.28 -3.24 -8.61
C SER A 137 -15.48 -4.13 -9.57
C SER A 137 -15.49 -4.13 -9.56
N PHE A 138 -15.00 -5.24 -9.01
CA PHE A 138 -14.29 -6.27 -9.75
C PHE A 138 -14.71 -7.62 -9.16
N THR A 139 -14.45 -8.69 -9.90
N THR A 139 -14.42 -8.70 -9.89
CA THR A 139 -14.81 -10.02 -9.47
CA THR A 139 -14.85 -10.03 -9.47
C THR A 139 -13.57 -10.86 -9.18
C THR A 139 -13.65 -10.95 -9.27
N ILE A 140 -13.74 -11.80 -8.25
CA ILE A 140 -12.76 -12.83 -7.94
C ILE A 140 -13.41 -14.14 -8.35
N SER A 141 -12.72 -14.90 -9.21
CA SER A 141 -13.32 -16.09 -9.81
C SER A 141 -13.25 -17.31 -8.90
N GLU A 142 -12.17 -17.42 -8.13
CA GLU A 142 -11.98 -18.63 -7.30
C GLU A 142 -11.51 -18.25 -5.91
N SER A 143 -12.09 -18.82 -4.89
CA SER A 143 -11.70 -18.49 -3.52
C SER A 143 -10.27 -18.91 -3.24
N GLY A 144 -9.58 -18.09 -2.45
CA GLY A 144 -8.24 -18.43 -2.03
C GLY A 144 -7.39 -17.19 -1.88
N TYR A 145 -6.07 -17.40 -1.79
CA TYR A 145 -5.12 -16.30 -1.75
C TYR A 145 -4.94 -15.73 -3.16
N GLN A 146 -5.26 -14.46 -3.32
CA GLN A 146 -5.15 -13.74 -4.59
C GLN A 146 -3.87 -12.92 -4.53
N ALA A 147 -3.15 -12.84 -5.65
CA ALA A 147 -1.99 -11.98 -5.70
C ALA A 147 -2.43 -10.53 -5.64
N ILE A 148 -1.69 -9.70 -4.90
CA ILE A 148 -2.00 -8.27 -4.77
C ILE A 148 -0.70 -7.50 -4.72
N ASP A 149 -0.69 -6.35 -5.40
CA ASP A 149 0.39 -5.39 -5.19
C ASP A 149 -0.22 -3.98 -5.07
N MET A 150 0.53 -3.13 -4.39
CA MET A 150 0.14 -1.74 -4.19
C MET A 150 1.34 -0.84 -4.37
N ILE A 151 1.09 0.32 -4.98
CA ILE A 151 2.03 1.45 -5.01
C ILE A 151 1.29 2.63 -4.38
N TRP A 152 2.01 3.43 -3.60
CA TRP A 152 1.52 4.70 -3.06
C TRP A 152 2.72 5.62 -2.97
N TRP A 153 2.53 6.92 -3.18
CA TRP A 153 3.64 7.84 -2.96
C TRP A 153 3.14 9.17 -2.40
N ASP A 154 4.12 9.93 -1.89
CA ASP A 154 3.98 11.31 -1.44
C ASP A 154 4.97 12.16 -2.22
N GLN A 155 4.45 13.17 -2.93
CA GLN A 155 5.31 14.15 -3.60
C GLN A 155 5.81 15.24 -2.66
N GLY A 156 5.28 15.26 -1.44
CA GLY A 156 5.58 16.30 -0.48
C GLY A 156 4.32 16.75 0.24
N GLY A 157 4.50 17.37 1.40
CA GLY A 157 3.40 17.93 2.15
C GLY A 157 2.73 16.90 3.03
N ASP A 158 1.40 16.81 2.92
CA ASP A 158 0.66 15.83 3.69
CA ASP A 158 0.66 15.83 3.69
C ASP A 158 0.72 14.45 3.02
N TYR A 159 0.35 13.42 3.79
CA TYR A 159 0.41 12.05 3.29
C TYR A 159 -0.57 11.19 4.09
N VAL A 160 -1.27 10.29 3.39
CA VAL A 160 -2.17 9.32 4.01
C VAL A 160 -2.41 8.23 2.99
N PHE A 161 -2.62 6.99 3.46
CA PHE A 161 -2.96 5.89 2.55
C PHE A 161 -3.78 4.85 3.30
N GLN A 162 -5.06 4.73 2.95
CA GLN A 162 -5.95 3.75 3.56
C GLN A 162 -6.85 3.14 2.49
N PRO A 163 -6.38 2.09 1.83
N PRO A 163 -6.45 1.98 1.93
CA PRO A 163 -7.27 1.29 1.00
CA PRO A 163 -7.27 1.33 0.89
C PRO A 163 -8.21 0.53 1.92
C PRO A 163 -8.22 0.27 1.45
N THR A 164 -9.49 0.59 1.65
CA THR A 164 -10.46 -0.30 2.27
C THR A 164 -11.19 -1.07 1.18
N LEU A 165 -11.74 -2.22 1.55
CA LEU A 165 -12.35 -3.12 0.58
C LEU A 165 -13.72 -3.54 1.09
N SER A 166 -14.70 -3.60 0.17
CA SER A 166 -16.04 -4.09 0.47
C SER A 166 -16.33 -5.35 -0.31
N ALA A 167 -16.93 -6.32 0.39
CA ALA A 167 -17.44 -7.55 -0.18
C ALA A 167 -18.96 -7.58 -0.29
N ASP A 168 -19.63 -6.51 0.13
CA ASP A 168 -21.09 -6.52 0.26
C ASP A 168 -21.70 -5.31 -0.43
N GLY A 169 -21.13 -4.91 -1.56
CA GLY A 169 -21.72 -3.87 -2.37
C GLY A 169 -21.60 -2.49 -1.79
N GLY A 170 -20.57 -2.26 -0.99
CA GLY A 170 -20.32 -0.95 -0.42
C GLY A 170 -21.03 -0.67 0.88
N SER A 171 -21.70 -1.66 1.47
CA SER A 171 -22.36 -1.44 2.75
C SER A 171 -21.35 -1.33 3.88
N THR A 172 -20.34 -2.21 3.87
CA THR A 172 -19.28 -2.22 4.87
C THR A 172 -17.95 -2.39 4.15
N TYR A 173 -16.92 -1.80 4.74
CA TYR A 173 -15.57 -1.86 4.22
C TYR A 173 -14.62 -2.28 5.34
N PHE A 174 -13.54 -2.96 4.96
CA PHE A 174 -12.51 -3.36 5.91
C PHE A 174 -11.12 -2.97 5.42
N VAL A 175 -10.24 -2.74 6.38
CA VAL A 175 -8.81 -2.58 6.12
C VAL A 175 -8.19 -3.95 5.86
N LEU A 176 -7.23 -3.98 4.93
N LEU A 176 -7.22 -3.98 4.94
CA LEU A 176 -6.43 -5.18 4.69
CA LEU A 176 -6.45 -5.20 4.69
C LEU A 176 -5.37 -5.32 5.77
C LEU A 176 -5.38 -5.33 5.76
N ASP A 177 -5.45 -6.40 6.53
CA ASP A 177 -4.57 -6.59 7.67
C ASP A 177 -4.29 -8.07 7.87
N SER A 178 -3.68 -8.39 9.01
N SER A 178 -3.68 -8.40 9.01
CA SER A 178 -3.18 -9.72 9.26
CA SER A 178 -3.18 -9.75 9.22
C SER A 178 -4.27 -10.80 9.26
C SER A 178 -4.28 -10.81 9.18
N ALA A 179 -5.55 -10.43 9.33
CA ALA A 179 -6.59 -11.44 9.25
C ALA A 179 -6.58 -12.17 7.92
N ILE A 180 -6.17 -11.51 6.82
CA ILE A 180 -6.31 -12.05 5.48
C ILE A 180 -5.08 -11.93 4.60
N LEU A 181 -4.05 -11.22 5.03
CA LEU A 181 -2.85 -11.06 4.22
C LEU A 181 -1.86 -12.21 4.44
N SER A 182 -1.12 -12.55 3.38
CA SER A 182 -0.06 -13.53 3.45
C SER A 182 1.09 -13.08 2.54
N SER A 183 2.31 -13.19 3.05
CA SER A 183 3.44 -12.72 2.25
C SER A 183 3.76 -13.65 1.08
N THR A 184 3.47 -14.95 1.21
CA THR A 184 3.87 -15.93 0.21
C THR A 184 2.71 -16.69 -0.40
N GLY A 185 1.50 -16.56 0.15
CA GLY A 185 0.38 -17.35 -0.30
C GLY A 185 0.14 -18.61 0.50
N GLU A 186 1.03 -18.94 1.42
CA GLU A 186 0.76 -19.98 2.41
C GLU A 186 -0.01 -19.38 3.58
N THR A 187 -0.66 -20.25 4.35
CA THR A 187 -1.50 -19.77 5.45
C THR A 187 -0.61 -19.36 6.62
N PRO A 188 -0.68 -18.11 7.07
CA PRO A 188 0.13 -17.71 8.22
C PRO A 188 -0.53 -18.10 9.55
N TYR A 189 0.31 -18.57 10.49
CA TYR A 189 -0.06 -18.88 11.88
C TYR A 189 0.92 -18.12 12.81
N THR A 190 0.79 -16.82 12.80
CA THR A 190 1.74 -15.92 13.51
C THR A 190 1.01 -15.06 14.54
CA CA B . 1.49 14.86 -0.40
CA CA C . 14.31 8.92 8.69
CA CA D . 8.27 16.69 -4.61
CA CA E . 14.19 -1.97 -6.64
CA CA F . 4.33 -3.29 15.40
CA CA G . -1.60 4.56 12.43
C4 VDS H . -0.38 17.25 -2.04
C5 VDS H . -0.36 17.73 -0.64
C6 VDS H . 0.60 18.82 -0.64
C1 VDS H . -1.75 18.61 -4.68
C2 VDS H . -1.26 19.16 -3.34
C3 VDS H . -0.02 18.53 -2.84
O1 VDS H . 0.65 19.43 -1.86
O2 VDS H . 0.98 19.43 0.41
O3 VDS H . 0.02 16.75 0.35
O4 VDS H . 0.73 16.35 -2.25
O5 VDS H . -2.11 19.57 -2.40
O6 VDS H . -0.78 18.33 -5.61
H5 VDS H . -1.46 16.72 -2.81
H6 VDS H . -1.41 18.11 -0.33
H7 VDS H . 1.47 18.43 -0.84
H1 VDS H . -2.39 17.82 -4.26
H2 VDS H . -2.67 18.27 -5.14
H3 VDS H . -1.15 20.22 -3.14
H4 VDS H . 1.08 18.64 -3.27
H8 VDS H . 0.62 19.09 1.14
H9 VDS H . 0.73 16.76 0.96
H10 VDS H . 1.42 16.72 -2.64
H11 VDS H . -2.70 20.07 -2.76
H12 VDS H . -1.10 17.85 -6.27
C4 VDV I . -0.42 17.24 -2.04
C5 VDV I . -0.20 17.69 -0.67
C6 VDV I . 0.25 19.05 -0.55
C1 VDV I . -1.72 18.51 -4.69
C2 VDV I . -1.15 19.29 -3.51
C3 VDV I . -0.20 18.56 -2.69
O1 VDV I . 0.74 19.38 -1.88
O2 VDV I . 1.07 19.40 0.43
O3 VDV I . -0.03 16.78 0.39
O4 VDV I . 0.71 16.40 -2.28
O5 VDV I . -2.13 19.50 -2.53
O6 VDV I . -0.73 18.32 -5.65
H5 VDV I . -1.28 16.84 -2.21
H6 VDV I . 0.73 17.48 -0.84
H7 VDV I . -0.54 19.59 -0.43
H2 VDV I . -2.04 17.64 -4.38
H1 VDV I . -2.46 19.00 -5.08
H3 VDV I . -0.77 20.14 -3.80
H4 VDV I . -0.91 18.81 -2.08
H8 VDV I . 0.64 19.85 1.00
H9 VDV I . -0.49 16.08 0.24
H10 VDV I . 1.43 16.88 -2.27
H11 VDV I . -2.12 20.31 -2.28
H12 VDV I . -0.98 17.71 -6.19
#